data_4MNS
#
_entry.id   4MNS
#
_cell.length_a   39.928
_cell.length_b   58.577
_cell.length_c   58.767
_cell.angle_alpha   90.00
_cell.angle_beta   90.00
_cell.angle_gamma   90.00
#
_symmetry.space_group_name_H-M   'P 21 21 21'
#
loop_
_entity.id
_entity.type
_entity.pdbx_description
1 polymer 'Major pollen allergen Bet v 1-A'
2 non-polymer '(3R,4R,5aR,11aR)-3-methyl-6,11-dioxo-2,3,4,5,5a,6,11,11a-octahydrothiepino[3,2-g]isoquinoline-4-carboxylic acid'
3 water water
#
_entity_poly.entity_id   1
_entity_poly.type   'polypeptide(L)'
_entity_poly.pdbx_seq_one_letter_code
;GVFNYETETTSVIPAARLFKAFILDGDNLFPKVAPQAISSVENIEGNGGPGTIKKISFPEGFPFKYVKDRVDEVDHTNFK
YNYSVIEGGPIGDTLEKISNEIKIVATPDGGSILKISNKYHTKGDHEVKAEQVKASKEMGETLLRAVESYLLAHSDAYN
;
_entity_poly.pdbx_strand_id   A
#
loop_
_chem_comp.id
_chem_comp.type
_chem_comp.name
_chem_comp.formula
2AX non-polymer '(3R,4R,5aR,11aR)-3-methyl-6,11-dioxo-2,3,4,5,5a,6,11,11a-octahydrothiepino[3,2-g]isoquinoline-4-carboxylic acid' 'C15 H15 N O4 S'
#
# COMPACT_ATOMS: atom_id res chain seq x y z
N GLY A 1 -5.81 -8.14 20.14
CA GLY A 1 -5.93 -6.67 20.20
C GLY A 1 -6.06 -6.11 18.81
N VAL A 2 -6.33 -4.81 18.72
CA VAL A 2 -6.27 -4.11 17.45
C VAL A 2 -5.37 -2.89 17.64
N PHE A 3 -4.22 -2.88 16.98
CA PHE A 3 -3.19 -1.89 17.19
C PHE A 3 -2.97 -1.09 15.92
N ASN A 4 -3.06 0.23 16.04
CA ASN A 4 -3.06 1.16 14.92
C ASN A 4 -1.72 1.88 14.79
N TYR A 5 -1.11 1.71 13.61
CA TYR A 5 0.11 2.42 13.24
C TYR A 5 -0.21 3.34 12.06
N GLU A 6 0.14 4.61 12.22
CA GLU A 6 -0.20 5.63 11.24
C GLU A 6 1.03 6.30 10.65
N THR A 7 0.88 6.71 9.41
CA THR A 7 1.89 7.43 8.65
C THR A 7 1.23 8.60 7.95
N GLU A 8 1.94 9.71 7.83
CA GLU A 8 1.54 10.84 6.98
C GLU A 8 2.70 11.13 6.06
N THR A 9 2.54 10.76 4.79
CA THR A 9 3.59 10.92 3.81
C THR A 9 3.26 12.10 2.90
N THR A 10 4.22 13.02 2.77
CA THR A 10 4.10 14.15 1.86
C THR A 10 4.57 13.73 0.48
N SER A 11 3.80 14.13 -0.54
CA SER A 11 4.16 13.91 -1.93
C SER A 11 3.99 15.21 -2.74
N VAL A 12 4.83 15.38 -3.74
CA VAL A 12 4.75 16.55 -4.59
CA VAL A 12 4.72 16.53 -4.65
C VAL A 12 3.68 16.30 -5.70
N ILE A 13 3.22 15.06 -5.84
CA ILE A 13 2.25 14.75 -6.87
C ILE A 13 0.85 15.20 -6.45
N PRO A 14 0.13 15.89 -7.34
CA PRO A 14 -1.25 16.25 -7.00
C PRO A 14 -2.11 15.01 -6.67
N ALA A 15 -3.06 15.21 -5.77
CA ALA A 15 -3.83 14.12 -5.18
C ALA A 15 -4.56 13.25 -6.19
N ALA A 16 -5.27 13.84 -7.14
CA ALA A 16 -6.05 13.05 -8.07
C ALA A 16 -5.16 12.14 -8.91
N ARG A 17 -4.03 12.67 -9.37
CA ARG A 17 -3.09 11.92 -10.19
C ARG A 17 -2.45 10.82 -9.37
N LEU A 18 -2.05 11.14 -8.14
CA LEU A 18 -1.41 10.15 -7.28
C LEU A 18 -2.40 9.01 -6.96
N PHE A 19 -3.65 9.33 -6.69
CA PHE A 19 -4.64 8.30 -6.40
C PHE A 19 -4.81 7.39 -7.61
N LYS A 20 -4.93 7.99 -8.79
CA LYS A 20 -5.11 7.22 -10.04
C LYS A 20 -3.95 6.24 -10.30
N ALA A 21 -2.73 6.69 -10.01
CA ALA A 21 -1.54 5.90 -10.33
C ALA A 21 -1.12 4.98 -9.19
N PHE A 22 -0.79 5.59 -8.05
CA PHE A 22 -0.22 4.87 -6.92
C PHE A 22 -1.23 3.93 -6.27
N ILE A 23 -2.47 4.37 -6.09
CA ILE A 23 -3.46 3.54 -5.42
C ILE A 23 -4.17 2.64 -6.39
N LEU A 24 -4.66 3.18 -7.50
CA LEU A 24 -5.48 2.40 -8.41
C LEU A 24 -4.76 1.70 -9.55
N ASP A 25 -3.46 1.92 -9.72
CA ASP A 25 -2.73 1.21 -10.78
C ASP A 25 -1.40 0.68 -10.31
N GLY A 26 -1.25 0.46 -9.00
CA GLY A 26 -0.04 -0.12 -8.48
C GLY A 26 0.19 -1.55 -8.93
N ASP A 27 -0.88 -2.27 -9.30
CA ASP A 27 -0.70 -3.65 -9.75
C ASP A 27 0.20 -3.70 -10.97
N ASN A 28 0.10 -2.65 -11.80
CA ASN A 28 0.99 -2.43 -12.93
C ASN A 28 2.29 -1.78 -12.47
N LEU A 29 2.16 -0.61 -11.82
CA LEU A 29 3.34 0.21 -11.58
C LEU A 29 4.31 -0.41 -10.59
N PHE A 30 3.86 -1.09 -9.54
CA PHE A 30 4.82 -1.51 -8.53
C PHE A 30 5.88 -2.49 -9.05
N PRO A 31 5.50 -3.57 -9.75
CA PRO A 31 6.56 -4.44 -10.30
C PRO A 31 7.38 -3.77 -11.39
N LYS A 32 6.81 -2.79 -12.08
CA LYS A 32 7.51 -2.07 -13.13
C LYS A 32 8.59 -1.15 -12.55
N VAL A 33 8.17 -0.31 -11.62
CA VAL A 33 9.03 0.76 -11.13
C VAL A 33 9.82 0.40 -9.86
N ALA A 34 9.38 -0.63 -9.14
CA ALA A 34 10.04 -1.05 -7.90
C ALA A 34 10.19 -2.57 -7.83
N PRO A 35 10.84 -3.18 -8.83
CA PRO A 35 11.00 -4.63 -8.84
C PRO A 35 11.83 -5.18 -7.66
N GLN A 36 12.66 -4.34 -7.06
CA GLN A 36 13.42 -4.74 -5.87
CA GLN A 36 13.42 -4.69 -5.87
C GLN A 36 12.56 -4.70 -4.58
N ALA A 37 11.31 -4.26 -4.69
CA ALA A 37 10.35 -4.30 -3.60
C ALA A 37 9.24 -5.32 -3.88
N ILE A 38 8.69 -5.30 -5.09
CA ILE A 38 7.59 -6.17 -5.48
C ILE A 38 7.91 -6.79 -6.82
N SER A 39 7.94 -8.13 -6.86
CA SER A 39 8.29 -8.81 -8.10
CA SER A 39 8.26 -8.90 -8.08
C SER A 39 7.09 -8.98 -9.05
N SER A 40 5.89 -9.15 -8.51
CA SER A 40 4.68 -9.30 -9.33
C SER A 40 3.47 -9.02 -8.49
N VAL A 41 2.42 -8.63 -9.18
CA VAL A 41 1.09 -8.55 -8.60
C VAL A 41 0.15 -9.28 -9.56
N GLU A 42 -0.59 -10.25 -9.01
CA GLU A 42 -1.47 -11.10 -9.80
C GLU A 42 -2.88 -11.03 -9.24
N ASN A 43 -3.85 -10.70 -10.07
CA ASN A 43 -5.24 -10.79 -9.68
C ASN A 43 -5.55 -12.26 -9.38
N ILE A 44 -6.26 -12.49 -8.29
CA ILE A 44 -6.66 -13.86 -7.91
C ILE A 44 -8.14 -14.11 -8.16
N GLU A 45 -8.98 -13.17 -7.75
CA GLU A 45 -10.40 -13.25 -8.04
CA GLU A 45 -10.44 -13.32 -7.86
C GLU A 45 -11.02 -11.90 -7.85
N GLY A 46 -12.06 -11.65 -8.63
CA GLY A 46 -12.69 -10.33 -8.63
C GLY A 46 -12.17 -9.45 -9.74
N ASN A 47 -12.84 -8.32 -9.92
CA ASN A 47 -12.50 -7.45 -11.05
C ASN A 47 -12.00 -6.08 -10.60
N GLY A 48 -11.70 -5.96 -9.32
CA GLY A 48 -11.16 -4.74 -8.75
C GLY A 48 -12.06 -4.10 -7.71
N GLY A 49 -13.33 -4.50 -7.67
CA GLY A 49 -14.26 -4.02 -6.67
C GLY A 49 -14.07 -4.64 -5.30
N PRO A 50 -14.95 -4.28 -4.35
CA PRO A 50 -14.92 -4.85 -3.01
C PRO A 50 -14.87 -6.37 -3.07
N GLY A 51 -13.99 -6.94 -2.26
CA GLY A 51 -13.82 -8.37 -2.19
C GLY A 51 -12.78 -8.96 -3.14
N THR A 52 -12.27 -8.15 -4.07
CA THR A 52 -11.21 -8.59 -4.97
C THR A 52 -9.98 -9.00 -4.17
N ILE A 53 -9.41 -10.12 -4.56
CA ILE A 53 -8.19 -10.66 -3.96
C ILE A 53 -7.07 -10.57 -4.98
N LYS A 54 -5.91 -10.12 -4.54
CA LYS A 54 -4.70 -10.11 -5.36
C LYS A 54 -3.54 -10.68 -4.56
N LYS A 55 -2.57 -11.22 -5.29
CA LYS A 55 -1.38 -11.78 -4.71
C LYS A 55 -0.19 -10.92 -5.10
N ILE A 56 0.49 -10.42 -4.07
CA ILE A 56 1.69 -9.61 -4.23
C ILE A 56 2.87 -10.49 -3.87
N SER A 57 3.76 -10.69 -4.82
CA SER A 57 4.97 -11.47 -4.60
C SER A 57 6.17 -10.56 -4.39
N PHE A 58 7.08 -10.99 -3.53
CA PHE A 58 8.27 -10.22 -3.18
C PHE A 58 9.51 -10.90 -3.73
N PRO A 59 10.54 -10.11 -4.08
CA PRO A 59 11.75 -10.73 -4.59
C PRO A 59 12.43 -11.63 -3.58
N GLU A 60 13.12 -12.63 -4.09
CA GLU A 60 13.77 -13.59 -3.22
C GLU A 60 14.77 -12.86 -2.34
N GLY A 61 14.82 -13.27 -1.09
CA GLY A 61 15.69 -12.65 -0.12
C GLY A 61 14.87 -11.99 0.97
N PHE A 62 13.71 -11.46 0.62
CA PHE A 62 12.86 -10.87 1.66
CA PHE A 62 12.78 -10.87 1.57
C PHE A 62 12.36 -11.97 2.58
N PRO A 63 12.08 -11.62 3.85
CA PRO A 63 11.59 -12.62 4.80
C PRO A 63 10.31 -13.31 4.36
N PHE A 64 9.51 -12.60 3.58
CA PHE A 64 8.24 -13.13 3.11
C PHE A 64 8.26 -13.32 1.61
N LYS A 65 7.49 -14.32 1.19
CA LYS A 65 7.41 -14.67 -0.23
C LYS A 65 6.26 -13.92 -0.92
N TYR A 66 5.11 -13.78 -0.24
CA TYR A 66 3.93 -13.19 -0.85
C TYR A 66 2.99 -12.72 0.25
N VAL A 67 2.03 -11.88 -0.14
CA VAL A 67 0.81 -11.65 0.64
C VAL A 67 -0.36 -11.70 -0.31
N LYS A 68 -1.51 -12.06 0.22
CA LYS A 68 -2.79 -11.84 -0.44
C LYS A 68 -3.50 -10.70 0.25
N ASP A 69 -3.95 -9.77 -0.57
CA ASP A 69 -4.67 -8.60 -0.13
C ASP A 69 -6.08 -8.61 -0.70
N ARG A 70 -7.01 -8.03 0.04
CA ARG A 70 -8.41 -7.93 -0.33
C ARG A 70 -8.83 -6.47 -0.37
N VAL A 71 -9.49 -6.06 -1.46
CA VAL A 71 -10.05 -4.73 -1.53
C VAL A 71 -11.29 -4.67 -0.64
N ASP A 72 -11.37 -3.67 0.22
CA ASP A 72 -12.54 -3.50 1.07
C ASP A 72 -13.46 -2.44 0.50
N GLU A 73 -12.94 -1.25 0.21
CA GLU A 73 -13.74 -0.18 -0.35
C GLU A 73 -12.84 0.77 -1.13
N VAL A 74 -13.39 1.39 -2.18
CA VAL A 74 -12.69 2.40 -2.96
C VAL A 74 -13.66 3.58 -3.11
N ASP A 75 -13.24 4.76 -2.66
CA ASP A 75 -14.01 5.99 -2.84
C ASP A 75 -13.21 6.87 -3.79
N HIS A 76 -13.65 6.88 -5.05
CA HIS A 76 -12.88 7.47 -6.16
C HIS A 76 -12.82 8.99 -6.15
N THR A 77 -13.79 9.63 -5.51
CA THR A 77 -13.84 11.08 -5.53
C THR A 77 -13.20 11.66 -4.29
N ASN A 78 -13.31 10.95 -3.16
CA ASN A 78 -12.68 11.36 -1.91
C ASN A 78 -11.28 10.78 -1.72
N PHE A 79 -10.81 10.03 -2.71
CA PHE A 79 -9.46 9.46 -2.74
C PHE A 79 -9.17 8.63 -1.49
N LYS A 80 -10.09 7.72 -1.18
CA LYS A 80 -9.97 6.85 -0.01
CA LYS A 80 -9.97 6.85 -0.01
C LYS A 80 -9.95 5.40 -0.49
N TYR A 81 -9.02 4.62 0.04
CA TYR A 81 -8.85 3.22 -0.32
C TYR A 81 -8.69 2.40 0.95
N ASN A 82 -9.53 1.39 1.10
CA ASN A 82 -9.42 0.47 2.22
CA ASN A 82 -9.53 0.47 2.24
C ASN A 82 -9.20 -0.92 1.70
N TYR A 83 -8.21 -1.59 2.28
CA TYR A 83 -7.86 -2.94 1.86
C TYR A 83 -7.27 -3.66 3.06
N SER A 84 -7.28 -4.98 3.00
CA SER A 84 -6.79 -5.81 4.09
C SER A 84 -5.75 -6.80 3.62
N VAL A 85 -4.73 -7.02 4.45
CA VAL A 85 -3.74 -8.08 4.24
C VAL A 85 -4.29 -9.30 4.98
N ILE A 86 -4.61 -10.35 4.22
CA ILE A 86 -5.37 -11.47 4.76
C ILE A 86 -4.64 -12.82 4.76
N GLU A 87 -3.51 -12.93 4.07
CA GLU A 87 -2.77 -14.18 4.01
C GLU A 87 -1.34 -13.91 3.60
N GLY A 88 -0.44 -14.81 4.00
CA GLY A 88 0.96 -14.69 3.64
C GLY A 88 1.70 -13.69 4.47
N GLY A 89 3.00 -13.59 4.19
CA GLY A 89 3.86 -12.64 4.84
C GLY A 89 3.72 -12.69 6.34
N PRO A 90 3.34 -11.55 6.96
CA PRO A 90 3.27 -11.48 8.41
C PRO A 90 2.05 -12.19 9.02
N ILE A 91 1.11 -12.64 8.21
CA ILE A 91 -0.11 -13.30 8.70
C ILE A 91 0.22 -14.73 9.12
N GLY A 92 0.04 -14.99 10.42
CA GLY A 92 0.45 -16.25 11.01
C GLY A 92 0.80 -15.95 12.45
N ASP A 93 1.09 -17.01 13.20
CA ASP A 93 1.41 -16.91 14.61
C ASP A 93 0.28 -16.11 15.31
N THR A 94 0.57 -14.93 15.88
CA THR A 94 -0.40 -14.13 16.61
C THR A 94 -1.07 -13.01 15.80
N LEU A 95 -0.81 -12.94 14.50
CA LEU A 95 -1.41 -11.90 13.65
C LEU A 95 -2.39 -12.48 12.64
N GLU A 96 -3.65 -12.05 12.74
CA GLU A 96 -4.72 -12.56 11.88
C GLU A 96 -4.90 -11.78 10.59
N LYS A 97 -4.73 -10.47 10.63
CA LYS A 97 -4.97 -9.62 9.46
CA LYS A 97 -5.06 -9.60 9.52
C LYS A 97 -4.48 -8.21 9.77
N ILE A 98 -4.27 -7.45 8.69
CA ILE A 98 -3.98 -6.03 8.81
C ILE A 98 -5.03 -5.32 7.99
N SER A 99 -5.79 -4.44 8.64
CA SER A 99 -6.85 -3.67 7.99
C SER A 99 -6.34 -2.25 7.75
N ASN A 100 -6.33 -1.83 6.50
CA ASN A 100 -5.67 -0.58 6.11
C ASN A 100 -6.63 0.42 5.52
N GLU A 101 -6.37 1.68 5.82
CA GLU A 101 -7.12 2.79 5.24
CA GLU A 101 -7.16 2.80 5.30
C GLU A 101 -6.17 3.86 4.80
N ILE A 102 -6.26 4.21 3.53
CA ILE A 102 -5.43 5.25 2.93
CA ILE A 102 -5.40 5.25 2.95
C ILE A 102 -6.31 6.35 2.41
N LYS A 103 -5.95 7.59 2.67
CA LYS A 103 -6.68 8.73 2.13
C LYS A 103 -5.64 9.72 1.61
N ILE A 104 -5.84 10.20 0.38
CA ILE A 104 -4.94 11.18 -0.21
C ILE A 104 -5.65 12.51 -0.24
N VAL A 105 -4.98 13.53 0.28
CA VAL A 105 -5.57 14.87 0.36
CA VAL A 105 -5.53 14.87 0.47
C VAL A 105 -4.62 15.89 -0.24
N ALA A 106 -5.21 16.85 -0.94
CA ALA A 106 -4.45 17.94 -1.53
C ALA A 106 -3.84 18.83 -0.44
N THR A 107 -2.68 19.39 -0.73
CA THR A 107 -2.08 20.39 0.17
C THR A 107 -2.12 21.77 -0.49
N PRO A 108 -2.02 22.85 0.31
CA PRO A 108 -2.03 24.22 -0.24
C PRO A 108 -1.11 24.45 -1.46
N ASP A 109 0.08 23.85 -1.47
CA ASP A 109 1.06 24.04 -2.58
C ASP A 109 0.77 23.24 -3.83
N GLY A 110 -0.31 22.47 -3.82
CA GLY A 110 -0.66 21.67 -5.00
C GLY A 110 -0.19 20.22 -5.00
N GLY A 111 0.61 19.84 -4.02
CA GLY A 111 0.98 18.45 -3.81
C GLY A 111 -0.09 17.75 -3.00
N SER A 112 0.33 16.70 -2.30
CA SER A 112 -0.62 15.90 -1.55
C SER A 112 0.02 15.36 -0.28
N ILE A 113 -0.85 14.84 0.59
CA ILE A 113 -0.49 14.08 1.76
CA ILE A 113 -0.42 14.00 1.70
C ILE A 113 -1.24 12.73 1.68
N LEU A 114 -0.54 11.66 1.99
CA LEU A 114 -1.18 10.36 2.18
C LEU A 114 -1.31 10.06 3.66
N LYS A 115 -2.56 9.93 4.12
CA LYS A 115 -2.89 9.50 5.48
C LYS A 115 -3.06 7.98 5.43
N ILE A 116 -2.20 7.26 6.15
CA ILE A 116 -2.14 5.80 6.11
C ILE A 116 -2.34 5.26 7.52
N SER A 117 -3.28 4.34 7.67
CA SER A 117 -3.52 3.63 8.93
C SER A 117 -3.46 2.14 8.69
N ASN A 118 -2.66 1.45 9.49
CA ASN A 118 -2.53 0.01 9.46
C ASN A 118 -2.99 -0.51 10.82
N LYS A 119 -4.11 -1.23 10.84
CA LYS A 119 -4.69 -1.76 12.08
C LYS A 119 -4.49 -3.27 12.12
N TYR A 120 -3.63 -3.71 13.03
CA TYR A 120 -3.23 -5.10 13.16
C TYR A 120 -4.14 -5.81 14.15
N HIS A 121 -4.76 -6.92 13.71
CA HIS A 121 -5.57 -7.76 14.57
CA HIS A 121 -5.56 -7.74 14.61
C HIS A 121 -4.73 -8.91 15.11
N THR A 122 -4.35 -8.81 16.37
CA THR A 122 -3.47 -9.78 17.02
C THR A 122 -4.21 -10.60 18.05
N LYS A 123 -3.57 -11.69 18.47
CA LYS A 123 -4.11 -12.53 19.54
C LYS A 123 -4.01 -11.84 20.89
N GLY A 124 -5.15 -11.67 21.55
CA GLY A 124 -5.15 -11.21 22.93
C GLY A 124 -4.38 -9.93 23.10
N ASP A 125 -3.43 -9.93 24.02
CA ASP A 125 -2.65 -8.74 24.29
C ASP A 125 -1.28 -8.76 23.64
N HIS A 126 -1.07 -9.66 22.69
CA HIS A 126 0.20 -9.73 22.01
C HIS A 126 0.38 -8.54 21.08
N GLU A 127 1.52 -7.87 21.24
CA GLU A 127 1.87 -6.72 20.42
C GLU A 127 2.24 -7.13 19.01
N VAL A 128 2.24 -6.16 18.11
CA VAL A 128 2.74 -6.35 16.75
C VAL A 128 4.26 -6.44 16.81
N LYS A 129 4.83 -7.34 16.02
CA LYS A 129 6.29 -7.48 15.98
C LYS A 129 6.95 -6.21 15.43
N ALA A 130 7.95 -5.70 16.14
CA ALA A 130 8.62 -4.48 15.74
C ALA A 130 9.14 -4.58 14.31
N GLU A 131 9.63 -5.75 13.91
CA GLU A 131 10.18 -5.90 12.56
C GLU A 131 9.12 -5.66 11.49
N GLN A 132 7.86 -6.00 11.78
CA GLN A 132 6.73 -5.74 10.86
CA GLN A 132 6.84 -5.87 10.81
C GLN A 132 6.46 -4.30 10.71
N VAL A 133 6.41 -3.58 11.83
CA VAL A 133 6.17 -2.13 11.83
C VAL A 133 7.25 -1.44 10.97
N LYS A 134 8.50 -1.88 11.16
CA LYS A 134 9.61 -1.33 10.42
C LYS A 134 9.53 -1.64 8.91
N ALA A 135 9.28 -2.91 8.60
CA ALA A 135 9.20 -3.32 7.22
C ALA A 135 8.07 -2.61 6.46
N SER A 136 6.94 -2.38 7.14
CA SER A 136 5.84 -1.69 6.51
C SER A 136 6.19 -0.24 6.15
N LYS A 137 6.89 0.44 7.06
CA LYS A 137 7.34 1.82 6.78
C LYS A 137 8.27 1.81 5.55
N GLU A 138 9.20 0.87 5.53
CA GLU A 138 10.18 0.83 4.46
CA GLU A 138 10.18 0.80 4.45
C GLU A 138 9.52 0.55 3.11
N MET A 139 8.59 -0.40 3.08
CA MET A 139 7.89 -0.74 1.85
CA MET A 139 7.92 -0.74 1.85
C MET A 139 7.09 0.45 1.30
N GLY A 140 6.36 1.10 2.19
CA GLY A 140 5.53 2.21 1.77
C GLY A 140 6.37 3.32 1.15
N GLU A 141 7.53 3.62 1.75
CA GLU A 141 8.42 4.63 1.19
C GLU A 141 8.96 4.23 -0.15
N THR A 142 9.46 3.00 -0.25
CA THR A 142 10.06 2.55 -1.51
C THR A 142 9.03 2.64 -2.64
N LEU A 143 7.82 2.16 -2.41
CA LEU A 143 6.82 2.12 -3.45
C LEU A 143 6.35 3.53 -3.84
N LEU A 144 6.04 4.36 -2.87
CA LEU A 144 5.57 5.71 -3.18
CA LEU A 144 5.57 5.72 -3.16
C LEU A 144 6.63 6.52 -3.94
N ARG A 145 7.87 6.45 -3.48
CA ARG A 145 8.95 7.22 -4.10
CA ARG A 145 8.90 7.29 -4.10
C ARG A 145 9.25 6.79 -5.52
N ALA A 146 9.14 5.47 -5.74
CA ALA A 146 9.32 4.92 -7.08
C ALA A 146 8.20 5.35 -8.02
N VAL A 147 6.96 5.33 -7.56
CA VAL A 147 5.86 5.81 -8.39
C VAL A 147 5.96 7.33 -8.64
N GLU A 148 6.30 8.09 -7.61
CA GLU A 148 6.56 9.54 -7.76
CA GLU A 148 6.46 9.53 -7.77
C GLU A 148 7.57 9.82 -8.81
N SER A 149 8.69 9.11 -8.75
CA SER A 149 9.78 9.30 -9.69
CA SER A 149 9.77 9.31 -9.69
C SER A 149 9.31 8.99 -11.11
N TYR A 150 8.56 7.91 -11.27
CA TYR A 150 8.00 7.55 -12.57
C TYR A 150 7.09 8.67 -13.09
N LEU A 151 6.19 9.17 -12.24
CA LEU A 151 5.26 10.21 -12.66
C LEU A 151 6.00 11.51 -13.06
N LEU A 152 7.06 11.86 -12.33
CA LEU A 152 7.82 13.06 -12.68
C LEU A 152 8.60 12.89 -13.97
N ALA A 153 9.02 11.66 -14.30
CA ALA A 153 9.74 11.37 -15.54
C ALA A 153 8.81 11.20 -16.74
N HIS A 154 7.51 11.03 -16.50
CA HIS A 154 6.54 10.73 -17.55
C HIS A 154 5.32 11.61 -17.39
N SER A 155 5.44 12.84 -17.86
CA SER A 155 4.41 13.84 -17.65
C SER A 155 3.07 13.49 -18.31
N ASP A 156 3.09 12.67 -19.36
CA ASP A 156 1.86 12.26 -20.04
C ASP A 156 1.12 11.12 -19.35
N ALA A 157 1.72 10.52 -18.33
CA ALA A 157 1.09 9.40 -17.61
C ALA A 157 0.12 9.92 -16.56
N TYR A 158 -1.10 9.39 -16.61
CA TYR A 158 -2.18 9.65 -15.64
C TYR A 158 -2.61 11.12 -15.57
N ASN A 159 -2.80 11.76 -16.73
CA ASN A 159 -3.48 13.07 -16.75
C ASN A 159 -4.97 12.98 -17.10
C4 2AX B . 1.56 -0.73 0.43
C5 2AX B . 1.11 0.65 0.55
C6 2AX B . 1.81 1.49 1.42
C7 2AX B . 0.32 3.21 1.09
C8 2AX B . -0.43 2.45 0.19
C10 2AX B . -0.81 0.33 -0.96
C13 2AX B . -1.34 -3.25 -1.87
O2 2AX B . -3.30 -4.67 -1.92
C14 2AX B . -2.77 -3.64 -2.22
O3 2AX B . -3.48 -2.79 -2.92
C1 2AX B . -0.35 -4.06 -2.69
C 2AX B . -0.74 -3.95 -4.14
C12 2AX B . -1.09 -1.78 -2.15
C11 2AX B . -0.69 -1.18 -0.84
C3 2AX B . 0.60 -1.77 -0.15
S 2AX B . 1.57 -3.19 -0.87
C2 2AX B . 1.06 -3.47 -2.56
O1 2AX B . -1.68 0.79 -1.71
C9 2AX B . -0.02 1.15 -0.07
O 2AX B . 2.64 -1.04 0.91
N 2AX B . 1.43 2.74 1.70
#